data_5E3R
#
_entry.id   5E3R
#
_cell.length_a   92.446
_cell.length_b   92.446
_cell.length_c   279.602
_cell.angle_alpha   90.000
_cell.angle_beta   90.000
_cell.angle_gamma   120.000
#
_symmetry.space_group_name_H-M   'H 3 2'
#
loop_
_entity.id
_entity.type
_entity.pdbx_description
1 polymer '2,3,4,5-tetrahydropyridine-2,6-dicarboxylate N-succinyltransferase'
2 non-polymer '(2S)-2-aminoheptanedioic acid'
3 water water
#
_entity_poly.entity_id   1
_entity_poly.type   'polypeptide(L)'
_entity_poly.pdbx_seq_one_letter_code
;TTASATGIATLTSTGDVLDVWYPEIGSTDQSALTPLEGVDEDRNVTRKIVTTTIDIDAAPTDTYDAWLRLHLLSHRVFRP
HTINLDGIFGLLNNVVWTNFGPCAVDGFALTRARLSRRGQVTVYSVDKFPRMVDYVVPSGVRIGDADRVRLGAYLADGTT
VMHEGFVNFNAGTLGASMVEGRISAGVTVDDGTDVGGGASIMGTLSGGGQHVISLGKRCLLGANSGCGIPLGDDCIIEAG
LYITAGTKVLFDGSLHKASTLAGSNGLIFRRDSVSGQVVAVPNTKVVELNTALHSNHHHHHH
;
_entity_poly.pdbx_strand_id   A
#
# COMPACT_ATOMS: atom_id res chain seq x y z
N THR A 1 -18.89 9.51 1.96
CA THR A 1 -18.64 10.38 3.07
C THR A 1 -18.07 11.69 2.53
N THR A 2 -18.48 12.81 3.11
CA THR A 2 -17.79 14.06 2.85
C THR A 2 -16.49 14.13 3.64
N ALA A 3 -15.35 14.22 2.98
CA ALA A 3 -14.09 14.35 3.72
C ALA A 3 -13.35 15.62 3.28
N SER A 4 -12.69 16.27 4.21
CA SER A 4 -12.01 17.53 3.94
C SER A 4 -10.70 17.63 4.69
N ALA A 5 -9.75 18.32 4.08
CA ALA A 5 -8.49 18.56 4.77
C ALA A 5 -7.75 19.74 4.15
N THR A 6 -6.91 20.35 4.96
CA THR A 6 -6.03 21.40 4.46
C THR A 6 -4.65 20.84 4.25
N GLY A 7 -4.05 21.09 3.11
CA GLY A 7 -2.73 20.52 2.88
C GLY A 7 -1.86 21.50 2.10
N ILE A 8 -0.69 21.03 1.69
CA ILE A 8 0.20 21.87 0.89
C ILE A 8 0.63 21.08 -0.33
N ALA A 9 0.40 21.67 -1.48
CA ALA A 9 0.59 21.08 -2.76
C ALA A 9 1.86 21.62 -3.45
N THR A 10 2.57 20.73 -4.13
CA THR A 10 3.68 21.15 -5.01
C THR A 10 3.22 21.18 -6.43
N LEU A 11 3.31 22.36 -7.06
CA LEU A 11 2.82 22.56 -8.43
C LEU A 11 3.92 22.95 -9.37
N THR A 12 3.91 22.41 -10.57
CA THR A 12 4.84 22.83 -11.61
C THR A 12 4.40 24.18 -12.21
N SER A 13 5.26 24.78 -13.03
CA SER A 13 4.99 26.05 -13.67
C SER A 13 3.77 25.95 -14.53
N THR A 14 3.47 24.77 -15.05
CA THR A 14 2.25 24.58 -15.83
C THR A 14 1.04 24.09 -15.05
N GLY A 15 1.08 24.06 -13.73
CA GLY A 15 -0.04 23.61 -12.91
C GLY A 15 -0.26 22.10 -12.64
N ASP A 16 0.61 21.26 -13.09
CA ASP A 16 0.57 19.83 -12.72
C ASP A 16 0.89 19.68 -11.24
N VAL A 17 0.16 18.80 -10.53
CA VAL A 17 0.35 18.66 -9.12
C VAL A 17 1.31 17.48 -8.96
N LEU A 18 2.47 17.75 -8.39
CA LEU A 18 3.44 16.70 -8.14
C LEU A 18 3.05 15.96 -6.85
N ASP A 19 2.63 16.70 -5.84
CA ASP A 19 2.22 16.05 -4.57
C ASP A 19 1.30 16.98 -3.82
N VAL A 20 0.67 16.43 -2.80
CA VAL A 20 0.02 17.21 -1.78
C VAL A 20 0.28 16.52 -0.48
N TRP A 21 0.66 17.24 0.56
CA TRP A 21 0.80 16.68 1.91
C TRP A 21 -0.34 17.25 2.77
N TYR A 22 -1.15 16.36 3.35
CA TYR A 22 -2.20 16.72 4.37
C TYR A 22 -1.73 16.23 5.73
N PRO A 23 -1.12 17.09 6.55
CA PRO A 23 -0.62 16.59 7.85
C PRO A 23 -1.71 16.10 8.76
N GLU A 24 -2.92 16.61 8.60
CA GLU A 24 -4.02 16.19 9.49
C GLU A 24 -5.21 15.99 8.60
N ILE A 25 -6.15 15.17 9.04
CA ILE A 25 -7.41 15.06 8.28
C ILE A 25 -8.46 15.92 8.98
N GLY A 26 -9.27 16.65 8.25
CA GLY A 26 -10.41 17.34 8.86
C GLY A 26 -10.10 18.62 9.62
N SER A 27 -8.93 19.24 9.39
CA SER A 27 -8.51 20.46 10.16
C SER A 27 -8.34 21.63 9.18
N THR A 28 -8.74 22.82 9.62
CA THR A 28 -8.58 24.09 8.87
C THR A 28 -7.28 24.81 9.29
N ASP A 29 -6.59 24.26 10.28
CA ASP A 29 -5.33 24.79 10.78
C ASP A 29 -4.21 24.80 9.72
N GLN A 30 -3.50 25.94 9.61
CA GLN A 30 -2.42 26.16 8.64
C GLN A 30 -1.00 26.39 9.22
N SER A 31 -0.84 26.41 10.54
CA SER A 31 0.40 26.93 11.16
C SER A 31 1.58 26.01 10.93
N ALA A 32 1.33 24.72 10.79
CA ALA A 32 2.37 23.79 10.33
C ALA A 32 2.83 24.19 8.91
N LEU A 33 1.90 24.79 8.16
CA LEU A 33 2.01 24.84 6.71
C LEU A 33 2.49 26.20 6.15
N THR A 34 2.12 27.34 6.73
CA THR A 34 2.48 28.66 6.08
C THR A 34 3.97 28.84 5.91
N PRO A 35 4.83 28.40 6.83
CA PRO A 35 6.25 28.53 6.49
C PRO A 35 6.80 27.65 5.38
N LEU A 36 6.01 26.70 4.84
CA LEU A 36 6.52 25.80 3.79
C LEU A 36 6.08 26.27 2.43
N GLU A 37 5.17 27.27 2.38
CA GLU A 37 4.84 27.87 1.16
C GLU A 37 6.02 28.65 0.54
N GLY A 38 6.14 28.59 -0.78
CA GLY A 38 7.28 29.25 -1.45
C GLY A 38 7.51 28.80 -2.86
N VAL A 39 8.56 29.34 -3.46
CA VAL A 39 8.98 28.80 -4.78
C VAL A 39 10.35 28.24 -4.71
N ASP A 40 10.56 27.14 -5.45
CA ASP A 40 11.86 26.56 -5.63
C ASP A 40 12.17 26.69 -7.09
N GLU A 41 13.03 27.65 -7.41
CA GLU A 41 13.39 27.84 -8.83
C GLU A 41 14.29 26.78 -9.40
N ASP A 42 15.02 26.02 -8.60
CA ASP A 42 15.82 24.93 -9.15
C ASP A 42 14.93 23.74 -9.59
N ARG A 43 13.81 23.51 -8.88
CA ARG A 43 12.86 22.48 -9.30
C ARG A 43 11.76 23.07 -10.16
N ASN A 44 11.69 24.42 -10.30
CA ASN A 44 10.65 25.08 -11.06
C ASN A 44 9.25 24.71 -10.56
N VAL A 45 9.10 24.77 -9.23
CA VAL A 45 7.80 24.52 -8.61
C VAL A 45 7.45 25.58 -7.58
N THR A 46 6.16 25.63 -7.27
CA THR A 46 5.62 26.38 -6.18
C THR A 46 4.92 25.49 -5.19
N ARG A 47 5.08 25.77 -3.90
CA ARG A 47 4.31 25.02 -2.85
C ARG A 47 3.31 25.96 -2.27
N LYS A 48 2.05 25.54 -2.30
CA LYS A 48 0.90 26.37 -1.96
C LYS A 48 -0.11 25.58 -1.11
N ILE A 49 -0.64 26.25 -0.10
CA ILE A 49 -1.72 25.69 0.72
C ILE A 49 -2.96 25.50 -0.07
N VAL A 50 -3.61 24.33 0.10
CA VAL A 50 -4.88 24.05 -0.51
C VAL A 50 -5.88 23.49 0.52
N THR A 51 -7.20 23.64 0.25
CA THR A 51 -8.20 22.93 1.02
C THR A 51 -8.98 22.07 0.08
N THR A 52 -9.06 20.78 0.42
CA THR A 52 -9.61 19.79 -0.49
C THR A 52 -10.81 19.12 0.19
N THR A 53 -11.93 19.11 -0.53
CA THR A 53 -13.19 18.55 -0.06
C THR A 53 -13.71 17.59 -1.07
N ILE A 54 -13.94 16.34 -0.64
CA ILE A 54 -14.34 15.29 -1.58
C ILE A 54 -15.54 14.47 -1.02
N ASP A 55 -16.11 13.75 -1.93
CA ASP A 55 -17.08 12.70 -1.72
C ASP A 55 -16.40 11.36 -1.97
N ILE A 56 -16.18 10.67 -0.91
CA ILE A 56 -15.42 9.43 -1.01
C ILE A 56 -16.06 8.32 -1.79
N ASP A 57 -17.36 8.38 -2.01
CA ASP A 57 -18.04 7.47 -2.88
C ASP A 57 -17.97 7.83 -4.34
N ALA A 58 -17.61 9.06 -4.69
CA ALA A 58 -17.51 9.45 -6.09
C ALA A 58 -16.10 9.11 -6.59
N ALA A 59 -15.96 8.89 -7.90
CA ALA A 59 -14.65 8.71 -8.46
C ALA A 59 -13.86 10.05 -8.30
N PRO A 60 -12.54 9.95 -8.03
CA PRO A 60 -11.78 11.17 -7.91
C PRO A 60 -11.81 11.99 -9.23
N THR A 61 -11.80 13.29 -9.14
CA THR A 61 -11.87 14.12 -10.35
C THR A 61 -10.67 14.96 -10.65
N ASP A 62 -9.70 15.04 -9.74
CA ASP A 62 -8.44 15.76 -10.03
C ASP A 62 -7.33 15.23 -9.14
N THR A 63 -6.12 15.71 -9.38
CA THR A 63 -4.93 15.17 -8.65
C THR A 63 -5.00 15.40 -7.14
N TYR A 64 -5.49 16.57 -6.70
CA TYR A 64 -5.64 16.88 -5.30
C TYR A 64 -6.53 15.86 -4.60
N ASP A 65 -7.63 15.56 -5.26
CA ASP A 65 -8.68 14.63 -4.80
C ASP A 65 -8.00 13.24 -4.62
N ALA A 66 -7.28 12.81 -5.64
CA ALA A 66 -6.53 11.54 -5.55
C ALA A 66 -5.58 11.46 -4.36
N TRP A 67 -4.81 12.53 -4.13
CA TRP A 67 -3.85 12.53 -3.01
C TRP A 67 -4.55 12.51 -1.67
N LEU A 68 -5.67 13.20 -1.52
CA LEU A 68 -6.40 13.10 -0.23
C LEU A 68 -6.89 11.65 0.02
N ARG A 69 -7.36 10.95 -0.99
CA ARG A 69 -7.87 9.53 -0.87
C ARG A 69 -6.72 8.68 -0.37
N LEU A 70 -5.55 8.90 -0.95
CA LEU A 70 -4.39 8.09 -0.40
C LEU A 70 -4.06 8.35 1.06
N HIS A 71 -4.05 9.62 1.46
CA HIS A 71 -3.88 9.99 2.83
C HIS A 71 -4.95 9.45 3.72
N LEU A 72 -6.21 9.44 3.26
CA LEU A 72 -7.29 8.89 4.10
C LEU A 72 -7.11 7.38 4.47
N LEU A 73 -6.58 6.62 3.51
CA LEU A 73 -6.17 5.22 3.73
C LEU A 73 -5.02 5.15 4.72
N SER A 74 -3.93 5.87 4.46
CA SER A 74 -2.74 5.67 5.34
C SER A 74 -2.91 6.21 6.74
N HIS A 75 -3.72 7.28 6.87
CA HIS A 75 -4.11 7.77 8.19
C HIS A 75 -5.08 6.82 8.89
N ARG A 76 -5.55 5.78 8.21
CA ARG A 76 -6.44 4.74 8.73
C ARG A 76 -7.84 5.31 9.02
N VAL A 77 -8.21 6.35 8.30
CA VAL A 77 -9.57 6.88 8.41
C VAL A 77 -10.54 6.00 7.67
N PHE A 78 -10.17 5.51 6.50
CA PHE A 78 -10.88 4.54 5.69
C PHE A 78 -10.06 3.28 5.52
N ARG A 79 -10.73 2.14 5.54
CA ARG A 79 -10.09 0.84 5.28
C ARG A 79 -10.01 0.68 3.78
N PRO A 80 -9.10 -0.20 3.32
CA PRO A 80 -9.13 -0.60 1.91
C PRO A 80 -10.50 -1.06 1.40
N HIS A 81 -10.76 -0.65 0.15
CA HIS A 81 -11.97 -0.90 -0.59
C HIS A 81 -13.14 -0.05 -0.12
N THR A 82 -12.97 0.87 0.79
CA THR A 82 -14.14 1.62 1.32
C THR A 82 -14.13 3.05 0.77
N ILE A 83 -13.20 3.32 -0.13
CA ILE A 83 -13.11 4.62 -0.78
C ILE A 83 -12.95 4.45 -2.26
N ASN A 84 -13.70 5.20 -3.10
CA ASN A 84 -13.64 4.97 -4.52
C ASN A 84 -12.31 5.49 -5.11
N LEU A 85 -11.56 4.63 -5.77
CA LEU A 85 -10.27 5.00 -6.38
C LEU A 85 -10.24 4.86 -7.87
N ASP A 86 -11.40 4.76 -8.45
CA ASP A 86 -11.50 4.56 -9.90
C ASP A 86 -10.83 5.70 -10.65
N GLY A 87 -9.94 5.33 -11.58
CA GLY A 87 -9.22 6.29 -12.40
C GLY A 87 -8.02 6.96 -11.76
N ILE A 88 -7.68 6.57 -10.54
CA ILE A 88 -6.63 7.27 -9.84
C ILE A 88 -5.35 7.24 -10.63
N PHE A 89 -5.11 6.20 -11.39
CA PHE A 89 -3.84 6.15 -12.13
C PHE A 89 -3.68 7.24 -13.16
N GLY A 90 -4.78 7.59 -13.79
CA GLY A 90 -4.81 8.70 -14.74
C GLY A 90 -4.70 10.08 -14.10
N LEU A 91 -4.82 10.23 -12.77
CA LEU A 91 -4.74 11.49 -12.11
C LEU A 91 -3.43 11.78 -11.39
N LEU A 92 -2.61 10.75 -11.17
CA LEU A 92 -1.36 10.94 -10.45
C LEU A 92 -0.28 11.10 -11.51
N ASN A 93 0.63 12.05 -11.32
CA ASN A 93 1.76 12.24 -12.23
C ASN A 93 2.89 11.33 -11.85
N ASN A 94 3.68 10.90 -12.84
CA ASN A 94 4.94 10.28 -12.50
C ASN A 94 5.85 11.40 -12.00
N VAL A 95 6.63 11.13 -10.92
CA VAL A 95 7.39 12.10 -10.24
C VAL A 95 8.72 11.47 -9.87
N VAL A 96 9.75 12.28 -9.88
CA VAL A 96 11.09 11.90 -9.37
C VAL A 96 11.15 12.32 -7.91
N TRP A 97 11.19 11.34 -7.00
CA TRP A 97 11.14 11.55 -5.55
C TRP A 97 12.59 11.66 -5.09
N THR A 98 13.01 12.87 -4.73
CA THR A 98 14.40 13.15 -4.40
C THR A 98 14.55 13.54 -2.95
N ASN A 99 15.80 13.70 -2.55
CA ASN A 99 16.13 14.24 -1.21
C ASN A 99 15.80 15.74 -1.12
N PHE A 100 15.60 16.44 -2.25
CA PHE A 100 15.16 17.80 -2.30
C PHE A 100 13.62 17.92 -2.39
N GLY A 101 12.89 16.83 -2.39
CA GLY A 101 11.46 16.84 -2.69
C GLY A 101 11.11 16.30 -4.07
N PRO A 102 9.79 16.27 -4.37
CA PRO A 102 9.32 15.87 -5.67
C PRO A 102 9.85 16.78 -6.78
N CYS A 103 10.26 16.17 -7.87
CA CYS A 103 10.65 16.87 -9.12
C CYS A 103 9.87 16.32 -10.28
N ALA A 104 9.59 17.16 -11.28
CA ALA A 104 8.96 16.70 -12.48
C ALA A 104 9.88 15.81 -13.25
N VAL A 105 9.33 14.84 -13.97
CA VAL A 105 10.11 14.01 -14.87
C VAL A 105 10.50 14.88 -16.09
N ASP A 106 9.59 15.68 -16.59
CA ASP A 106 9.95 16.58 -17.74
C ASP A 106 11.03 17.61 -17.30
N GLY A 107 12.15 17.56 -17.99
CA GLY A 107 13.25 18.44 -17.73
C GLY A 107 14.10 18.02 -16.52
N PHE A 108 13.95 16.77 -16.07
CA PHE A 108 14.64 16.34 -14.84
C PHE A 108 16.14 16.46 -14.95
N ALA A 109 16.69 16.20 -16.15
CA ALA A 109 18.18 16.33 -16.31
C ALA A 109 18.64 17.76 -16.02
N LEU A 110 17.85 18.75 -16.38
CA LEU A 110 18.18 20.15 -16.02
C LEU A 110 17.95 20.41 -14.54
N THR A 111 16.84 19.92 -14.00
CA THR A 111 16.61 20.04 -12.61
C THR A 111 17.74 19.47 -11.77
N ARG A 112 18.16 18.26 -12.05
CA ARG A 112 19.29 17.63 -11.34
C ARG A 112 20.57 18.51 -11.32
N ALA A 113 20.93 19.03 -12.47
CA ALA A 113 22.07 19.95 -12.61
C ALA A 113 21.89 21.18 -11.75
N ARG A 114 20.68 21.79 -11.74
CA ARG A 114 20.39 22.94 -10.90
C ARG A 114 20.53 22.62 -9.41
N LEU A 115 19.95 21.48 -9.00
CA LEU A 115 19.94 21.11 -7.55
C LEU A 115 21.31 20.75 -7.10
N SER A 116 22.11 20.29 -8.02
CA SER A 116 23.45 19.81 -7.63
C SER A 116 24.36 20.90 -7.10
N ARG A 117 24.02 22.16 -7.42
CA ARG A 117 24.71 23.36 -6.77
C ARG A 117 24.45 23.42 -5.29
N ARG A 118 23.39 22.82 -4.82
CA ARG A 118 23.05 22.86 -3.43
C ARG A 118 23.59 21.69 -2.65
N GLY A 119 23.98 20.61 -3.32
CA GLY A 119 24.38 19.44 -2.62
C GLY A 119 24.06 18.20 -3.46
N GLN A 120 24.53 17.04 -3.01
CA GLN A 120 24.31 15.78 -3.68
C GLN A 120 22.80 15.50 -3.88
N VAL A 121 22.44 15.22 -5.11
CA VAL A 121 21.08 14.84 -5.44
C VAL A 121 20.98 13.26 -5.37
N THR A 122 20.03 12.75 -4.61
CA THR A 122 19.71 11.35 -4.53
C THR A 122 18.26 11.16 -4.97
N VAL A 123 18.05 10.19 -5.84
CA VAL A 123 16.69 9.83 -6.27
C VAL A 123 16.27 8.55 -5.54
N TYR A 124 15.21 8.64 -4.75
CA TYR A 124 14.72 7.51 -4.05
C TYR A 124 13.84 6.62 -4.86
N SER A 125 13.06 7.19 -5.82
CA SER A 125 12.08 6.44 -6.47
C SER A 125 11.68 7.30 -7.64
N VAL A 126 11.08 6.70 -8.63
CA VAL A 126 10.43 7.37 -9.74
C VAL A 126 9.09 6.74 -9.92
N ASP A 127 8.02 7.41 -9.55
CA ASP A 127 6.73 6.75 -9.56
C ASP A 127 5.59 7.73 -9.33
N LYS A 128 4.40 7.20 -9.53
CA LYS A 128 3.17 7.93 -9.29
C LYS A 128 2.73 7.88 -7.86
N PHE A 129 3.27 6.97 -7.09
CA PHE A 129 2.94 6.84 -5.67
C PHE A 129 4.21 7.09 -4.87
N PRO A 130 4.16 7.92 -3.84
CA PRO A 130 5.39 8.13 -3.09
C PRO A 130 5.47 7.10 -1.96
N ARG A 131 6.54 7.20 -1.16
CA ARG A 131 6.79 6.37 0.03
C ARG A 131 5.85 6.90 1.14
N MET A 132 5.01 6.04 1.67
CA MET A 132 4.00 6.45 2.68
C MET A 132 4.57 7.27 3.81
N VAL A 133 5.68 6.82 4.41
CA VAL A 133 6.22 7.42 5.57
C VAL A 133 6.67 8.90 5.41
N ASP A 134 6.93 9.35 4.18
CA ASP A 134 7.28 10.75 3.97
C ASP A 134 6.08 11.69 4.05
N TYR A 135 4.86 11.11 4.23
CA TYR A 135 3.61 11.84 4.35
C TYR A 135 2.92 11.50 5.64
N VAL A 136 2.87 10.24 6.06
CA VAL A 136 2.20 9.84 7.35
C VAL A 136 2.96 8.65 7.94
N VAL A 137 3.31 8.70 9.22
CA VAL A 137 3.79 7.53 9.93
C VAL A 137 2.66 7.18 10.90
N PRO A 138 1.86 6.15 10.64
CA PRO A 138 0.72 5.78 11.51
C PRO A 138 1.23 5.20 12.80
N SER A 139 0.39 5.33 13.80
CA SER A 139 0.84 4.91 15.14
C SER A 139 0.90 3.37 15.26
N GLY A 140 1.80 2.90 16.11
CA GLY A 140 1.94 1.52 16.47
C GLY A 140 2.51 0.60 15.39
N VAL A 141 3.35 1.13 14.49
CA VAL A 141 3.88 0.28 13.45
C VAL A 141 5.40 0.36 13.36
N ARG A 142 5.97 -0.69 12.79
CA ARG A 142 7.41 -0.69 12.38
C ARG A 142 7.44 -1.02 10.89
N ILE A 143 8.38 -0.39 10.15
CA ILE A 143 8.62 -0.64 8.79
C ILE A 143 10.14 -0.68 8.65
N GLY A 144 10.68 -1.80 8.23
CA GLY A 144 12.13 -1.97 8.07
C GLY A 144 12.74 -1.19 6.96
N ASP A 145 12.19 -1.32 5.79
CA ASP A 145 12.65 -0.63 4.62
C ASP A 145 11.43 0.14 4.15
N ALA A 146 11.39 1.44 4.46
CA ALA A 146 10.21 2.25 4.18
C ALA A 146 10.09 2.66 2.72
N ASP A 147 11.05 2.27 1.87
CA ASP A 147 10.74 2.24 0.44
C ASP A 147 9.56 1.38 0.06
N ARG A 148 9.22 0.36 0.85
CA ARG A 148 8.36 -0.74 0.41
C ARG A 148 6.94 -0.64 0.92
N VAL A 149 6.55 0.56 1.40
CA VAL A 149 5.15 0.80 1.72
C VAL A 149 4.71 2.08 0.98
N ARG A 150 3.78 1.91 0.00
CA ARG A 150 3.30 3.06 -0.73
C ARG A 150 2.27 3.88 0.05
N LEU A 151 2.25 5.19 -0.16
CA LEU A 151 1.17 5.99 0.31
C LEU A 151 -0.17 5.45 -0.24
N GLY A 152 -1.14 5.25 0.68
CA GLY A 152 -2.40 4.58 0.28
C GLY A 152 -2.48 3.21 0.99
N ALA A 153 -1.31 2.74 1.52
CA ALA A 153 -1.34 1.55 2.37
C ALA A 153 -1.95 1.80 3.76
N TYR A 154 -2.56 0.77 4.30
CA TYR A 154 -3.26 0.85 5.60
C TYR A 154 -2.55 -0.16 6.47
N LEU A 155 -1.86 0.31 7.49
CA LEU A 155 -1.19 -0.54 8.43
C LEU A 155 -1.73 -0.33 9.90
N ALA A 156 -2.45 -1.31 10.39
CA ALA A 156 -3.13 -1.19 11.70
C ALA A 156 -2.15 -1.28 12.78
N ASP A 157 -2.52 -0.67 13.89
CA ASP A 157 -1.73 -0.70 15.12
C ASP A 157 -1.28 -2.14 15.46
N GLY A 158 0.01 -2.31 15.77
CA GLY A 158 0.62 -3.61 16.01
C GLY A 158 1.28 -4.30 14.84
N THR A 159 1.32 -3.67 13.68
CA THR A 159 1.89 -4.24 12.50
C THR A 159 3.39 -3.95 12.40
N THR A 160 4.16 -4.96 12.01
CA THR A 160 5.53 -4.80 11.56
C THR A 160 5.62 -5.21 10.13
N VAL A 161 6.12 -4.30 9.27
CA VAL A 161 6.45 -4.69 7.91
C VAL A 161 7.95 -4.85 7.94
N MET A 162 8.41 -6.07 7.80
CA MET A 162 9.84 -6.33 7.72
C MET A 162 10.37 -5.89 6.35
N HIS A 163 11.69 -5.95 6.21
CA HIS A 163 12.37 -5.46 5.05
C HIS A 163 11.92 -6.15 3.79
N GLU A 164 11.66 -7.44 3.85
CA GLU A 164 11.12 -8.21 2.77
C GLU A 164 9.63 -8.01 2.50
N GLY A 165 8.95 -7.45 3.45
CA GLY A 165 7.58 -7.07 3.26
C GLY A 165 7.39 -5.94 2.24
N PHE A 166 6.18 -5.93 1.65
CA PHE A 166 5.80 -4.88 0.66
C PHE A 166 4.30 -4.68 0.78
N VAL A 167 3.85 -3.45 0.90
CA VAL A 167 2.41 -3.17 0.94
C VAL A 167 2.09 -2.08 -0.06
N ASN A 168 1.24 -2.40 -1.02
CA ASN A 168 0.77 -1.51 -2.03
C ASN A 168 -0.36 -0.60 -1.52
N PHE A 169 -0.80 0.29 -2.35
CA PHE A 169 -1.91 1.17 -1.99
C PHE A 169 -3.20 0.37 -1.93
N ASN A 170 -4.24 0.90 -1.25
CA ASN A 170 -5.51 0.19 -1.14
C ASN A 170 -5.37 -1.23 -0.64
N ALA A 171 -4.50 -1.40 0.35
CA ALA A 171 -4.04 -2.73 0.80
C ALA A 171 -3.49 -2.63 2.20
N GLY A 172 -3.48 -3.77 2.92
CA GLY A 172 -2.68 -3.84 4.16
C GLY A 172 -3.29 -4.69 5.24
N THR A 173 -3.09 -4.24 6.45
CA THR A 173 -3.37 -5.06 7.60
C THR A 173 -4.45 -4.40 8.41
N LEU A 174 -5.44 -5.21 8.78
CA LEU A 174 -6.64 -4.70 9.52
C LEU A 174 -6.50 -4.82 11.00
N GLY A 175 -5.46 -5.55 11.43
CA GLY A 175 -5.08 -5.75 12.84
C GLY A 175 -3.55 -5.92 12.96
N ALA A 176 -3.11 -6.51 14.04
CA ALA A 176 -1.69 -6.69 14.30
C ALA A 176 -1.14 -7.87 13.51
N SER A 177 -0.27 -7.61 12.53
CA SER A 177 0.29 -8.64 11.65
C SER A 177 1.80 -8.45 11.49
N MET A 178 2.53 -9.55 11.38
CA MET A 178 3.93 -9.53 10.95
C MET A 178 3.94 -9.72 9.39
N VAL A 179 4.44 -8.74 8.66
CA VAL A 179 4.39 -8.74 7.21
C VAL A 179 5.82 -8.82 6.65
N GLU A 180 6.22 -9.99 6.14
CA GLU A 180 7.56 -10.20 5.60
C GLU A 180 7.47 -10.54 4.15
N GLY A 181 6.27 -10.41 3.58
CA GLY A 181 6.00 -10.76 2.21
C GLY A 181 5.13 -9.68 1.59
N ARG A 182 4.64 -9.98 0.37
CA ARG A 182 4.04 -8.96 -0.50
C ARG A 182 2.49 -8.96 -0.45
N ILE A 183 1.93 -7.85 0.03
CA ILE A 183 0.51 -7.59 0.03
C ILE A 183 0.20 -6.69 -1.16
N SER A 184 -0.36 -7.30 -2.20
CA SER A 184 -0.72 -6.62 -3.42
C SER A 184 -1.81 -5.62 -3.29
N ALA A 185 -1.97 -4.79 -4.33
CA ALA A 185 -3.06 -3.80 -4.23
C ALA A 185 -4.37 -4.48 -4.09
N GLY A 186 -5.21 -3.95 -3.22
CA GLY A 186 -6.52 -4.52 -3.03
C GLY A 186 -6.52 -5.72 -2.10
N VAL A 187 -5.38 -6.16 -1.56
CA VAL A 187 -5.38 -7.27 -0.60
C VAL A 187 -5.39 -6.78 0.84
N THR A 188 -6.19 -7.39 1.71
CA THR A 188 -6.10 -7.16 3.14
C THR A 188 -5.84 -8.51 3.88
N VAL A 189 -5.17 -8.43 5.06
CA VAL A 189 -5.11 -9.56 5.96
C VAL A 189 -5.61 -9.09 7.32
N ASP A 190 -6.24 -9.97 8.07
CA ASP A 190 -6.85 -9.55 9.31
C ASP A 190 -5.95 -9.94 10.50
N ASP A 191 -6.40 -9.57 11.68
CA ASP A 191 -5.64 -9.55 12.94
C ASP A 191 -4.97 -10.87 13.18
N GLY A 192 -3.71 -10.81 13.53
CA GLY A 192 -2.97 -12.00 13.84
C GLY A 192 -2.36 -12.73 12.66
N THR A 193 -2.75 -12.37 11.45
CA THR A 193 -2.23 -13.03 10.30
C THR A 193 -0.72 -12.64 10.07
N ASP A 194 0.16 -13.63 9.88
CA ASP A 194 1.58 -13.37 9.62
C ASP A 194 1.97 -13.88 8.22
N VAL A 195 2.60 -13.01 7.48
CA VAL A 195 2.99 -13.25 6.10
C VAL A 195 4.50 -13.49 6.15
N GLY A 196 4.90 -14.72 5.89
CA GLY A 196 6.30 -15.14 5.93
C GLY A 196 7.18 -14.52 4.85
N GLY A 197 8.47 -14.59 5.13
CA GLY A 197 9.46 -13.98 4.29
C GLY A 197 9.35 -14.39 2.85
N GLY A 198 9.21 -13.43 1.96
CA GLY A 198 9.13 -13.72 0.53
C GLY A 198 7.81 -14.34 0.02
N ALA A 199 6.82 -14.44 0.88
CA ALA A 199 5.53 -14.91 0.47
C ALA A 199 4.79 -13.85 -0.36
N SER A 200 3.85 -14.32 -1.17
CA SER A 200 3.19 -13.46 -2.22
C SER A 200 1.69 -13.63 -2.03
N ILE A 201 0.94 -12.56 -1.80
CA ILE A 201 -0.50 -12.64 -1.79
C ILE A 201 -0.94 -11.81 -3.04
N MET A 202 -1.55 -12.51 -3.97
CA MET A 202 -2.05 -11.95 -5.29
C MET A 202 -3.30 -11.12 -5.02
N GLY A 203 -3.80 -10.28 -5.93
CA GLY A 203 -4.97 -9.40 -5.60
C GLY A 203 -5.54 -8.63 -6.74
N VAL A 212 -10.68 -8.61 -4.34
CA VAL A 212 -10.66 -9.99 -4.85
C VAL A 212 -10.01 -10.88 -3.78
N ILE A 213 -8.74 -10.70 -3.42
CA ILE A 213 -8.30 -11.62 -2.38
C ILE A 213 -8.03 -10.98 -1.00
N SER A 214 -8.49 -11.65 0.06
CA SER A 214 -8.15 -11.30 1.43
C SER A 214 -7.88 -12.55 2.24
N LEU A 215 -7.23 -12.37 3.38
CA LEU A 215 -7.11 -13.40 4.34
C LEU A 215 -7.77 -12.88 5.63
N GLY A 216 -8.27 -13.82 6.40
CA GLY A 216 -8.87 -13.59 7.70
C GLY A 216 -7.82 -13.53 8.81
N LYS A 217 -8.25 -13.93 10.01
CA LYS A 217 -7.51 -13.74 11.19
C LYS A 217 -6.61 -14.96 11.44
N ARG A 218 -5.42 -14.72 12.04
CA ARG A 218 -4.53 -15.77 12.51
C ARG A 218 -4.12 -16.73 11.40
N CYS A 219 -4.03 -16.28 10.17
CA CYS A 219 -3.51 -17.15 9.14
C CYS A 219 -1.93 -17.12 9.22
N LEU A 220 -1.31 -18.11 8.64
CA LEU A 220 0.19 -18.18 8.61
C LEU A 220 0.60 -18.58 7.19
N LEU A 221 1.27 -17.71 6.49
CA LEU A 221 1.83 -18.06 5.22
C LEU A 221 3.35 -18.29 5.43
N GLY A 222 3.80 -19.48 5.08
CA GLY A 222 5.23 -19.84 5.27
C GLY A 222 6.11 -19.01 4.33
N ALA A 223 7.41 -18.97 4.64
CA ALA A 223 8.36 -18.24 3.79
C ALA A 223 8.25 -18.75 2.34
N ASN A 224 8.29 -17.84 1.34
CA ASN A 224 8.30 -18.20 -0.05
C ASN A 224 7.02 -18.97 -0.51
N SER A 225 5.92 -18.85 0.29
CA SER A 225 4.62 -19.36 -0.10
C SER A 225 3.90 -18.34 -0.94
N GLY A 226 2.77 -18.78 -1.49
CA GLY A 226 1.95 -17.91 -2.28
C GLY A 226 0.46 -18.24 -2.03
N CYS A 227 -0.38 -17.19 -2.18
CA CYS A 227 -1.81 -17.35 -1.99
C CYS A 227 -2.54 -16.52 -3.04
N GLY A 228 -3.27 -17.21 -3.91
CA GLY A 228 -4.02 -16.64 -4.99
C GLY A 228 -5.52 -16.81 -4.81
N ILE A 229 -5.94 -17.19 -3.62
CA ILE A 229 -7.36 -17.32 -3.31
C ILE A 229 -7.67 -16.66 -1.98
N PRO A 230 -8.91 -16.23 -1.82
CA PRO A 230 -9.26 -15.75 -0.44
C PRO A 230 -9.29 -16.88 0.55
N LEU A 231 -8.86 -16.61 1.78
CA LEU A 231 -8.99 -17.57 2.86
C LEU A 231 -9.61 -16.92 4.06
N GLY A 232 -10.19 -17.77 4.90
CA GLY A 232 -10.75 -17.27 6.15
C GLY A 232 -9.74 -17.26 7.25
N ASP A 233 -10.13 -17.79 8.39
CA ASP A 233 -9.35 -17.67 9.56
C ASP A 233 -8.54 -18.95 9.75
N ASP A 234 -7.44 -18.82 10.50
CA ASP A 234 -6.64 -20.00 10.98
C ASP A 234 -6.18 -20.95 9.85
N CYS A 235 -5.90 -20.42 8.66
CA CYS A 235 -5.37 -21.25 7.57
C CYS A 235 -3.84 -21.12 7.58
N ILE A 236 -3.18 -22.15 7.05
CA ILE A 236 -1.68 -22.19 6.98
C ILE A 236 -1.34 -22.59 5.58
N ILE A 237 -0.34 -21.93 4.96
CA ILE A 237 0.16 -22.44 3.74
C ILE A 237 1.64 -22.73 4.01
N GLU A 238 2.04 -23.96 3.72
CA GLU A 238 3.39 -24.42 3.91
C GLU A 238 4.44 -23.52 3.20
N ALA A 239 5.64 -23.42 3.80
CA ALA A 239 6.72 -22.66 3.15
C ALA A 239 6.98 -23.23 1.77
N GLY A 240 7.24 -22.38 0.82
CA GLY A 240 7.60 -22.80 -0.49
C GLY A 240 6.43 -23.27 -1.33
N LEU A 241 5.16 -23.21 -0.89
CA LEU A 241 4.05 -23.72 -1.69
C LEU A 241 3.21 -22.53 -2.18
N TYR A 242 2.93 -22.49 -3.47
CA TYR A 242 2.09 -21.49 -4.08
C TYR A 242 0.73 -22.07 -4.42
N ILE A 243 -0.31 -21.59 -3.69
CA ILE A 243 -1.66 -21.98 -3.98
C ILE A 243 -2.32 -20.98 -4.91
N THR A 244 -2.35 -21.25 -6.19
CA THR A 244 -3.10 -20.43 -7.17
C THR A 244 -4.51 -20.91 -7.25
N ALA A 245 -5.36 -20.07 -7.81
CA ALA A 245 -6.81 -20.41 -7.94
C ALA A 245 -6.98 -21.69 -8.77
N GLY A 246 -6.02 -21.96 -9.70
CA GLY A 246 -6.01 -23.17 -10.51
C GLY A 246 -5.22 -24.32 -10.03
N THR A 247 -4.54 -24.20 -8.89
CA THR A 247 -3.82 -25.30 -8.32
C THR A 247 -4.74 -26.42 -7.92
N LYS A 248 -4.37 -27.67 -8.23
CA LYS A 248 -5.19 -28.85 -7.81
C LYS A 248 -4.83 -29.34 -6.44
N VAL A 249 -5.84 -29.41 -5.57
CA VAL A 249 -5.62 -29.67 -4.18
C VAL A 249 -6.54 -30.87 -3.80
N LEU A 250 -5.96 -31.85 -3.11
CA LEU A 250 -6.70 -32.98 -2.63
C LEU A 250 -7.31 -32.68 -1.24
N PHE A 251 -8.63 -32.77 -1.14
CA PHE A 251 -9.34 -32.51 0.05
C PHE A 251 -10.46 -33.54 0.11
N ASP A 252 -10.48 -34.25 1.23
CA ASP A 252 -11.45 -35.32 1.54
C ASP A 252 -11.58 -36.27 0.37
N GLY A 253 -10.43 -36.70 -0.16
CA GLY A 253 -10.40 -37.69 -1.23
C GLY A 253 -10.64 -37.26 -2.64
N SER A 254 -11.09 -36.03 -2.91
CA SER A 254 -11.16 -35.55 -4.30
C SER A 254 -10.18 -34.42 -4.62
N LEU A 255 -9.79 -34.28 -5.88
CA LEU A 255 -9.00 -33.20 -6.37
C LEU A 255 -9.90 -32.05 -6.73
N HIS A 256 -9.66 -30.90 -6.13
CA HIS A 256 -10.36 -29.64 -6.44
C HIS A 256 -9.42 -28.60 -6.99
N LYS A 257 -9.90 -27.71 -7.84
CA LYS A 257 -9.23 -26.44 -8.02
C LYS A 257 -9.27 -25.72 -6.68
N ALA A 258 -8.15 -25.12 -6.31
CA ALA A 258 -8.07 -24.41 -5.01
C ALA A 258 -9.13 -23.34 -4.89
N SER A 259 -9.57 -22.75 -6.00
CA SER A 259 -10.68 -21.84 -5.90
C SER A 259 -11.94 -22.43 -5.23
N THR A 260 -12.11 -23.72 -5.26
CA THR A 260 -13.27 -24.37 -4.62
C THR A 260 -13.11 -24.31 -3.12
N LEU A 261 -11.86 -24.24 -2.66
CA LEU A 261 -11.56 -24.10 -1.21
C LEU A 261 -11.46 -22.64 -0.67
N ALA A 262 -11.70 -21.64 -1.50
CA ALA A 262 -11.71 -20.21 -1.19
C ALA A 262 -12.66 -19.92 -0.02
N GLY A 263 -12.19 -19.08 0.88
CA GLY A 263 -13.01 -18.65 2.05
C GLY A 263 -12.95 -19.59 3.21
N SER A 264 -12.23 -20.72 3.09
CA SER A 264 -12.24 -21.71 4.18
C SER A 264 -11.61 -21.22 5.45
N ASN A 265 -12.11 -21.75 6.58
CA ASN A 265 -11.50 -21.56 7.86
C ASN A 265 -10.78 -22.88 8.22
N GLY A 266 -9.64 -22.76 8.86
CA GLY A 266 -9.01 -23.84 9.56
C GLY A 266 -8.42 -24.90 8.64
N LEU A 267 -7.88 -24.52 7.45
CA LEU A 267 -7.24 -25.50 6.59
C LEU A 267 -5.72 -25.29 6.57
N ILE A 268 -4.97 -26.37 6.56
CA ILE A 268 -3.52 -26.38 6.23
C ILE A 268 -3.27 -26.91 4.82
N PHE A 269 -2.66 -26.10 3.96
CA PHE A 269 -2.26 -26.51 2.66
C PHE A 269 -0.77 -26.94 2.72
N ARG A 270 -0.48 -28.17 2.29
CA ARG A 270 0.91 -28.69 2.33
C ARG A 270 1.08 -29.70 1.21
N ARG A 271 2.32 -29.88 0.82
CA ARG A 271 2.68 -31.01 -0.07
C ARG A 271 2.49 -32.32 0.69
N ASP A 272 2.03 -33.35 -0.04
CA ASP A 272 1.84 -34.68 0.56
C ASP A 272 2.67 -35.74 -0.16
N SER A 273 3.59 -36.37 0.56
CA SER A 273 4.45 -37.37 -0.07
C SER A 273 3.70 -38.69 -0.42
N VAL A 274 2.61 -39.03 0.29
CA VAL A 274 1.86 -40.27 0.12
C VAL A 274 1.06 -40.21 -1.18
N SER A 275 0.27 -39.15 -1.40
CA SER A 275 -0.43 -38.96 -2.67
C SER A 275 0.36 -38.39 -3.82
N GLY A 276 1.45 -37.70 -3.54
CA GLY A 276 2.12 -36.88 -4.55
C GLY A 276 1.36 -35.57 -4.88
N GLN A 277 0.37 -35.17 -4.09
CA GLN A 277 -0.46 -34.00 -4.44
C GLN A 277 -0.26 -32.91 -3.40
N VAL A 278 -0.71 -31.72 -3.76
CA VAL A 278 -1.02 -30.75 -2.73
C VAL A 278 -2.28 -31.18 -1.99
N VAL A 279 -2.25 -31.10 -0.70
CA VAL A 279 -3.36 -31.48 0.16
C VAL A 279 -3.81 -30.34 1.09
N ALA A 280 -5.11 -30.30 1.38
CA ALA A 280 -5.64 -29.40 2.42
C ALA A 280 -6.18 -30.28 3.53
N VAL A 281 -5.72 -30.05 4.77
CA VAL A 281 -6.11 -30.83 5.89
C VAL A 281 -6.58 -29.90 6.98
N PRO A 282 -7.43 -30.42 7.92
CA PRO A 282 -7.90 -29.57 9.00
C PRO A 282 -6.83 -29.12 9.92
N ASN A 283 -6.91 -27.87 10.35
CA ASN A 283 -5.96 -27.31 11.29
C ASN A 283 -6.41 -27.67 12.71
N THR A 284 -5.77 -28.58 13.41
CA THR A 284 -6.24 -28.91 14.83
C THR A 284 -5.35 -28.31 15.95
N LYS A 285 -5.59 -27.15 16.57
CA LYS A 285 -6.77 -26.31 16.47
C LYS A 285 -6.31 -24.88 16.38
CA NPI B . 12.30 -13.05 10.79
CB NPI B . 11.45 -11.87 11.32
C4 NPI B . 11.62 -11.43 12.80
C5 NPI B . 12.82 -10.45 12.97
C6 NPI B . 12.93 -9.75 14.29
C NPI B . 13.80 -12.87 10.47
O NPI B . 14.34 -12.44 9.41
OXT NPI B . 14.59 -13.23 11.35
N NPI B . 12.22 -14.15 11.83
C7 NPI B . 11.82 -8.65 14.44
O71 NPI B . 12.18 -7.56 14.61
O72 NPI B . 10.56 -8.74 14.41
#